data_4IXP
#
_entry.id   4IXP
#
_cell.length_a   135.449
_cell.length_b   135.449
_cell.length_c   153.652
_cell.angle_alpha   90.00
_cell.angle_beta   90.00
_cell.angle_gamma   120.00
#
_symmetry.space_group_name_H-M   'P 64 2 2'
#
loop_
_entity.id
_entity.type
_entity.pdbx_description
1 polymer 'Maternal embryonic leucine zipper kinase'
2 water water
#
_entity_poly.entity_id   1
_entity_poly.type   'polypeptide(L)'
_entity_poly.pdbx_seq_one_letter_code
;MKDYDELLKYYELHETIGTGGFAKVKLACHILTGEMVAIRIMDKNTLGSDLPRIKTEIEALKNLRHQHICQLYHVLETAN
KIFMVLEYCPGGELFDYIISQDRLSEEETRVVFRQIVSAVAYVHSQGYAHRDLKPENLLFDEYHKLKLIAFGLCAKPKGN
KDYHLQTCCGSLAYAAPELIQGKSYLGSEADVWSMGILLYVLMCGFLPFDDDNVMALYKKIMRGKYDVPKWLSPSSILLL
QQMLQVDPKKRISMKNLLNHPWIMQDYNYPVEWQSKNPFIHLDDDCVTELSVHHRNNRQTMEDLISLWQYDHLTATYLLL
LAKKARGKPVRLRLSSFSCGLEHHHHHH
;
_entity_poly.pdbx_strand_id   A
#
# COMPACT_ATOMS: atom_id res chain seq x y z
N LYS A 2 23.26 -21.22 1.97
CA LYS A 2 22.56 -20.25 1.14
C LYS A 2 21.15 -20.04 1.66
N ASP A 3 20.75 -18.78 1.80
CA ASP A 3 19.47 -18.41 2.37
C ASP A 3 18.36 -18.63 1.37
N TYR A 4 18.76 -18.70 0.11
CA TYR A 4 17.80 -18.74 -0.97
C TYR A 4 17.24 -20.11 -1.21
N ASP A 5 17.92 -21.15 -0.73
CA ASP A 5 17.54 -22.52 -1.05
C ASP A 5 16.10 -22.82 -0.66
N GLU A 6 15.67 -22.32 0.49
CA GLU A 6 14.29 -22.55 0.90
C GLU A 6 13.33 -21.79 0.00
N LEU A 7 13.66 -20.53 -0.31
CA LEU A 7 12.81 -19.75 -1.19
C LEU A 7 12.77 -20.30 -2.61
N LEU A 8 13.92 -20.77 -3.07
CA LEU A 8 14.08 -21.19 -4.46
C LEU A 8 13.31 -22.45 -4.80
N LYS A 9 12.79 -23.13 -3.78
CA LYS A 9 11.95 -24.28 -4.07
C LYS A 9 10.47 -23.91 -4.30
N TYR A 10 10.08 -22.68 -3.98
CA TYR A 10 8.71 -22.26 -4.26
C TYR A 10 8.63 -21.24 -5.39
N TYR A 11 9.76 -20.61 -5.71
CA TYR A 11 9.77 -19.50 -6.66
C TYR A 11 10.99 -19.54 -7.54
N GLU A 12 10.82 -19.16 -8.80
CA GLU A 12 11.97 -18.81 -9.63
C GLU A 12 12.02 -17.29 -9.77
N LEU A 13 13.23 -16.75 -9.60
CA LEU A 13 13.49 -15.32 -9.64
C LEU A 13 13.45 -14.71 -11.04
N HIS A 14 13.18 -13.40 -11.07
CA HIS A 14 13.10 -12.63 -12.31
C HIS A 14 13.79 -11.29 -12.08
N GLU A 15 14.01 -10.53 -13.16
CA GLU A 15 14.83 -9.33 -13.06
C GLU A 15 14.25 -8.37 -12.03
N THR A 16 15.13 -7.75 -11.27
CA THR A 16 14.74 -6.98 -10.10
C THR A 16 13.96 -5.70 -10.48
N ILE A 17 12.98 -5.34 -9.64
CA ILE A 17 12.03 -4.26 -9.93
C ILE A 17 12.44 -2.93 -9.32
N GLY A 18 12.94 -2.97 -8.09
CA GLY A 18 13.39 -1.78 -7.41
C GLY A 18 14.51 -2.09 -6.42
N THR A 19 15.61 -1.35 -6.48
CA THR A 19 16.64 -1.50 -5.46
C THR A 19 16.14 -0.86 -4.18
N GLY A 20 15.60 0.36 -4.31
CA GLY A 20 14.94 1.03 -3.22
C GLY A 20 15.82 1.19 -1.99
N GLY A 21 15.25 1.76 -0.94
CA GLY A 21 16.00 1.98 0.27
C GLY A 21 16.07 0.72 1.10
N PHE A 22 14.94 0.34 1.66
CA PHE A 22 14.89 -0.62 2.77
C PHE A 22 14.91 -2.06 2.32
N ALA A 23 14.48 -2.31 1.09
CA ALA A 23 14.41 -3.67 0.58
C ALA A 23 14.64 -3.75 -0.91
N LYS A 24 15.37 -4.77 -1.33
CA LYS A 24 15.44 -5.14 -2.74
C LYS A 24 14.13 -5.83 -3.08
N VAL A 25 13.58 -5.49 -4.23
CA VAL A 25 12.33 -6.07 -4.67
C VAL A 25 12.56 -6.77 -5.99
N LYS A 26 12.29 -8.07 -6.03
CA LYS A 26 12.46 -8.86 -7.25
C LYS A 26 11.10 -9.35 -7.77
N LEU A 27 10.92 -9.29 -9.09
CA LEU A 27 9.78 -9.92 -9.73
C LEU A 27 10.05 -11.45 -9.81
N ALA A 28 9.04 -12.27 -9.54
CA ALA A 28 9.25 -13.73 -9.49
C ALA A 28 8.04 -14.53 -9.93
N CYS A 29 8.27 -15.80 -10.22
CA CYS A 29 7.22 -16.73 -10.61
C CYS A 29 7.03 -17.79 -9.51
N HIS A 30 5.79 -17.91 -9.02
CA HIS A 30 5.41 -18.93 -8.05
C HIS A 30 5.22 -20.21 -8.82
N ILE A 31 6.08 -21.17 -8.55
CA ILE A 31 6.20 -22.35 -9.38
C ILE A 31 4.90 -23.15 -9.51
N LEU A 32 4.29 -23.48 -8.39
CA LEU A 32 3.09 -24.30 -8.38
C LEU A 32 1.92 -23.76 -9.20
N THR A 33 1.78 -22.45 -9.28
CA THR A 33 0.63 -21.85 -9.93
C THR A 33 1.03 -21.13 -11.21
N GLY A 34 2.33 -20.98 -11.44
CA GLY A 34 2.80 -20.19 -12.56
C GLY A 34 2.43 -18.71 -12.57
N GLU A 35 2.03 -18.18 -11.41
CA GLU A 35 1.60 -16.78 -11.28
C GLU A 35 2.76 -15.84 -10.89
N MET A 36 2.76 -14.61 -11.42
CA MET A 36 3.80 -13.64 -11.05
C MET A 36 3.58 -13.08 -9.65
N VAL A 37 4.66 -12.87 -8.93
CA VAL A 37 4.59 -12.24 -7.62
C VAL A 37 5.74 -11.26 -7.48
N ALA A 38 5.63 -10.34 -6.54
CA ALA A 38 6.77 -9.49 -6.18
C ALA A 38 7.32 -9.97 -4.86
N ILE A 39 8.63 -9.97 -4.74
CA ILE A 39 9.25 -10.41 -3.50
C ILE A 39 10.13 -9.32 -2.92
N ARG A 40 9.85 -8.98 -1.67
CA ARG A 40 10.64 -8.01 -0.94
C ARG A 40 11.67 -8.76 -0.15
N ILE A 41 12.94 -8.41 -0.38
CA ILE A 41 14.06 -9.09 0.25
C ILE A 41 14.73 -8.14 1.22
N MET A 42 14.86 -8.56 2.46
CA MET A 42 15.53 -7.75 3.46
C MET A 42 16.71 -8.49 4.10
N ASP A 43 17.69 -7.75 4.58
CA ASP A 43 18.84 -8.34 5.24
C ASP A 43 18.79 -8.05 6.73
N LYS A 44 18.58 -9.08 7.55
CA LYS A 44 18.39 -8.92 8.99
C LYS A 44 19.60 -8.28 9.69
N ASN A 45 20.77 -8.53 9.13
CA ASN A 45 21.99 -7.96 9.71
C ASN A 45 22.13 -6.50 9.30
N THR A 46 21.73 -6.19 8.08
CA THR A 46 21.66 -4.81 7.60
C THR A 46 20.60 -4.01 8.36
N LEU A 47 19.43 -4.59 8.57
CA LEU A 47 18.34 -3.89 9.24
C LEU A 47 18.62 -3.71 10.72
N GLY A 48 19.29 -4.69 11.32
CA GLY A 48 19.65 -4.64 12.73
C GLY A 48 18.56 -4.16 13.66
N SER A 49 18.68 -2.92 14.13
CA SER A 49 17.79 -2.36 15.14
C SER A 49 16.36 -2.11 14.65
N ASP A 50 16.18 -2.11 13.33
CA ASP A 50 14.86 -1.87 12.74
C ASP A 50 14.04 -3.17 12.66
N LEU A 51 14.76 -4.28 12.73
CA LEU A 51 14.16 -5.61 12.70
C LEU A 51 12.91 -5.83 13.56
N PRO A 52 12.93 -5.42 14.85
CA PRO A 52 11.71 -5.55 15.65
C PRO A 52 10.51 -4.88 14.99
N ARG A 53 10.72 -3.64 14.53
CA ARG A 53 9.65 -2.89 13.89
C ARG A 53 9.19 -3.52 12.57
N ILE A 54 10.15 -4.01 11.79
CA ILE A 54 9.84 -4.75 10.57
C ILE A 54 8.91 -5.92 10.87
N LYS A 55 9.11 -6.57 11.99
CA LYS A 55 8.25 -7.68 12.35
C LYS A 55 6.84 -7.22 12.72
N THR A 56 6.73 -6.10 13.43
CA THR A 56 5.40 -5.61 13.79
C THR A 56 4.68 -5.05 12.56
N GLU A 57 5.43 -4.50 11.61
CA GLU A 57 4.83 -3.98 10.38
C GLU A 57 4.26 -5.13 9.56
N ILE A 58 4.94 -6.26 9.63
CA ILE A 58 4.49 -7.44 8.93
C ILE A 58 3.24 -7.98 9.60
N GLU A 59 3.23 -7.94 10.93
CA GLU A 59 2.06 -8.42 11.64
C GLU A 59 0.86 -7.58 11.26
N ALA A 60 1.11 -6.29 11.08
CA ALA A 60 0.06 -5.37 10.66
C ALA A 60 -0.44 -5.77 9.29
N LEU A 61 0.49 -5.89 8.34
CA LEU A 61 0.15 -6.25 6.96
C LEU A 61 -0.65 -7.54 6.87
N LYS A 62 -0.40 -8.48 7.78
CA LYS A 62 -1.15 -9.74 7.83
C LYS A 62 -2.62 -9.56 8.12
N ASN A 63 -3.00 -8.39 8.65
CA ASN A 63 -4.38 -8.17 9.03
C ASN A 63 -5.12 -7.26 8.06
N LEU A 64 -4.53 -7.07 6.88
CA LEU A 64 -5.14 -6.23 5.87
C LEU A 64 -5.52 -7.02 4.64
N ARG A 65 -6.81 -7.03 4.36
CA ARG A 65 -7.35 -7.69 3.18
C ARG A 65 -8.36 -6.73 2.58
N HIS A 66 -7.95 -6.04 1.50
CA HIS A 66 -8.74 -4.99 0.92
C HIS A 66 -8.49 -4.92 -0.58
N GLN A 67 -9.50 -4.47 -1.31
CA GLN A 67 -9.41 -4.37 -2.75
C GLN A 67 -8.38 -3.34 -3.28
N HIS A 68 -7.96 -2.40 -2.43
CA HIS A 68 -6.95 -1.44 -2.88
C HIS A 68 -5.72 -1.48 -2.03
N ILE A 69 -5.57 -2.56 -1.28
CA ILE A 69 -4.31 -2.81 -0.62
C ILE A 69 -3.59 -4.02 -1.23
N CYS A 70 -2.34 -3.81 -1.60
CA CYS A 70 -1.50 -4.83 -2.18
C CYS A 70 -1.41 -6.03 -1.23
N GLN A 71 -1.80 -7.20 -1.73
CA GLN A 71 -1.93 -8.42 -0.91
C GLN A 71 -0.63 -9.12 -0.54
N LEU A 72 -0.52 -9.53 0.73
CA LEU A 72 0.63 -10.31 1.21
C LEU A 72 0.32 -11.79 1.10
N TYR A 73 1.30 -12.57 0.63
CA TYR A 73 1.09 -13.96 0.26
C TYR A 73 1.84 -14.91 1.18
N HIS A 74 3.09 -14.56 1.46
CA HIS A 74 4.03 -15.48 2.05
C HIS A 74 5.11 -14.69 2.74
N VAL A 75 5.42 -15.07 3.96
CA VAL A 75 6.56 -14.51 4.66
C VAL A 75 7.50 -15.63 5.09
N LEU A 76 8.73 -15.59 4.60
CA LEU A 76 9.73 -16.61 4.86
C LEU A 76 10.95 -15.99 5.53
N GLU A 77 11.33 -16.53 6.68
CA GLU A 77 12.48 -16.03 7.43
C GLU A 77 13.68 -16.97 7.36
N THR A 78 14.85 -16.40 7.11
CA THR A 78 16.10 -17.15 7.12
C THR A 78 16.99 -16.56 8.21
N ALA A 79 18.10 -17.23 8.49
CA ALA A 79 19.16 -16.73 9.34
C ALA A 79 19.52 -15.27 9.03
N ASN A 80 19.66 -14.95 7.76
CA ASN A 80 20.11 -13.62 7.35
C ASN A 80 19.10 -12.77 6.60
N LYS A 81 18.06 -13.41 6.08
CA LYS A 81 17.10 -12.75 5.21
C LYS A 81 15.68 -12.89 5.72
N ILE A 82 14.83 -11.94 5.34
CA ILE A 82 13.39 -12.07 5.47
C ILE A 82 12.80 -11.80 4.08
N PHE A 83 11.97 -12.71 3.60
CA PHE A 83 11.34 -12.54 2.29
C PHE A 83 9.87 -12.26 2.42
N MET A 84 9.42 -11.14 1.87
CA MET A 84 7.99 -10.90 1.80
C MET A 84 7.51 -11.10 0.37
N VAL A 85 6.49 -11.94 0.20
CA VAL A 85 5.94 -12.19 -1.12
C VAL A 85 4.59 -11.52 -1.23
N LEU A 86 4.46 -10.66 -2.23
CA LEU A 86 3.29 -9.82 -2.36
C LEU A 86 2.70 -9.89 -3.73
N GLU A 87 1.47 -9.42 -3.83
CA GLU A 87 0.79 -9.28 -5.10
C GLU A 87 1.65 -8.47 -6.05
N TYR A 88 1.76 -8.92 -7.30
CA TYR A 88 2.52 -8.17 -8.29
C TYR A 88 1.64 -7.15 -9.05
N CYS A 89 2.16 -5.93 -9.24
CA CYS A 89 1.38 -4.83 -9.80
C CYS A 89 2.02 -4.20 -11.05
N PRO A 90 1.65 -4.72 -12.22
CA PRO A 90 2.32 -4.36 -13.46
C PRO A 90 2.21 -2.88 -13.76
N GLY A 91 1.06 -2.28 -13.49
CA GLY A 91 0.83 -0.90 -13.86
C GLY A 91 1.91 0.01 -13.29
N GLY A 92 2.63 -0.48 -12.28
CA GLY A 92 3.73 0.25 -11.72
C GLY A 92 3.29 1.34 -10.75
N GLU A 93 4.22 2.23 -10.43
CA GLU A 93 3.96 3.28 -9.44
C GLU A 93 3.01 4.30 -10.06
N LEU A 94 2.46 5.16 -9.21
CA LEU A 94 1.49 6.17 -9.61
C LEU A 94 1.84 6.91 -10.91
N PHE A 95 3.11 7.29 -11.06
CA PHE A 95 3.56 8.04 -12.24
C PHE A 95 4.04 7.17 -13.40
N ASP A 96 4.39 5.91 -13.09
CA ASP A 96 4.50 4.84 -14.10
C ASP A 96 3.12 4.60 -14.76
N TYR A 97 2.06 4.68 -13.95
CA TYR A 97 0.68 4.55 -14.42
C TYR A 97 0.07 5.83 -15.06
N ILE A 98 0.65 6.98 -14.71
CA ILE A 98 0.20 8.27 -15.24
C ILE A 98 0.40 8.35 -16.75
N ILE A 99 1.49 7.78 -17.23
CA ILE A 99 1.88 7.85 -18.64
C ILE A 99 2.41 9.24 -18.93
N SER A 100 2.94 9.89 -17.89
CA SER A 100 3.73 11.11 -18.04
C SER A 100 2.88 12.28 -18.53
N GLN A 101 1.57 12.11 -18.53
CA GLN A 101 0.69 13.19 -18.96
C GLN A 101 0.90 14.35 -18.00
N ASP A 102 0.93 15.57 -18.55
CA ASP A 102 1.26 16.72 -17.74
C ASP A 102 0.41 16.80 -16.46
N ARG A 103 -0.89 16.57 -16.58
CA ARG A 103 -1.79 16.55 -15.42
C ARG A 103 -3.10 15.85 -15.74
N LEU A 104 -3.81 15.45 -14.69
CA LEU A 104 -5.10 14.77 -14.85
C LEU A 104 -6.23 15.77 -14.64
N SER A 105 -7.34 15.52 -15.32
CA SER A 105 -8.50 16.37 -15.21
C SER A 105 -9.15 16.11 -13.86
N GLU A 106 -10.11 16.94 -13.49
CA GLU A 106 -10.76 16.77 -12.21
C GLU A 106 -11.44 15.40 -12.07
N GLU A 107 -12.13 14.96 -13.12
CA GLU A 107 -12.76 13.63 -13.08
C GLU A 107 -11.73 12.50 -13.15
N GLU A 108 -10.66 12.69 -13.92
CA GLU A 108 -9.58 11.70 -13.95
C GLU A 108 -8.96 11.51 -12.55
N THR A 109 -8.78 12.61 -11.81
CA THR A 109 -8.19 12.45 -10.48
C THR A 109 -9.19 11.88 -9.51
N ARG A 110 -10.46 12.23 -9.67
CA ARG A 110 -11.50 11.71 -8.79
C ARG A 110 -11.54 10.18 -8.81
N VAL A 111 -11.40 9.60 -10.00
CA VAL A 111 -11.37 8.16 -10.16
C VAL A 111 -10.25 7.52 -9.35
N VAL A 112 -9.04 8.04 -9.49
CA VAL A 112 -7.92 7.56 -8.70
C VAL A 112 -8.07 7.90 -7.22
N PHE A 113 -8.44 9.15 -6.95
CA PHE A 113 -8.47 9.63 -5.57
C PHE A 113 -9.47 8.88 -4.69
N ARG A 114 -10.66 8.62 -5.22
CA ARG A 114 -11.59 7.75 -4.49
C ARG A 114 -10.96 6.42 -4.08
N GLN A 115 -10.12 5.84 -4.93
CA GLN A 115 -9.46 4.57 -4.55
C GLN A 115 -8.47 4.76 -3.40
N ILE A 116 -7.66 5.82 -3.49
CA ILE A 116 -6.77 6.18 -2.38
C ILE A 116 -7.51 6.40 -1.06
N VAL A 117 -8.64 7.09 -1.12
CA VAL A 117 -9.45 7.31 0.07
C VAL A 117 -9.96 5.97 0.64
N SER A 118 -10.42 5.08 -0.25
CA SER A 118 -10.92 3.76 0.12
C SER A 118 -9.85 2.97 0.87
N ALA A 119 -8.63 3.01 0.34
CA ALA A 119 -7.57 2.21 0.90
C ALA A 119 -7.25 2.73 2.27
N VAL A 120 -7.07 4.04 2.37
CA VAL A 120 -6.58 4.63 3.60
C VAL A 120 -7.63 4.56 4.70
N ALA A 121 -8.89 4.68 4.32
CA ALA A 121 -9.99 4.60 5.27
C ALA A 121 -10.01 3.20 5.90
N TYR A 122 -9.89 2.19 5.05
CA TYR A 122 -9.79 0.81 5.52
C TYR A 122 -8.66 0.64 6.53
N VAL A 123 -7.47 1.15 6.20
CA VAL A 123 -6.31 1.07 7.08
C VAL A 123 -6.62 1.67 8.45
N HIS A 124 -7.20 2.86 8.43
CA HIS A 124 -7.59 3.51 9.66
C HIS A 124 -8.63 2.69 10.43
N SER A 125 -9.54 2.06 9.70
CA SER A 125 -10.59 1.29 10.35
C SER A 125 -10.02 0.10 11.11
N GLN A 126 -8.84 -0.34 10.69
CA GLN A 126 -8.18 -1.49 11.28
C GLN A 126 -7.31 -1.06 12.46
N GLY A 127 -7.26 0.25 12.68
CA GLY A 127 -6.60 0.80 13.84
C GLY A 127 -5.17 1.20 13.59
N TYR A 128 -4.80 1.34 12.31
CA TYR A 128 -3.47 1.79 11.95
C TYR A 128 -3.54 3.11 11.20
N ALA A 129 -2.39 3.77 11.11
CA ALA A 129 -2.22 4.84 10.15
C ALA A 129 -1.08 4.46 9.22
N HIS A 130 -1.11 5.02 8.01
CA HIS A 130 -0.05 4.70 7.06
C HIS A 130 1.19 5.52 7.40
N ARG A 131 1.05 6.85 7.31
CA ARG A 131 2.09 7.82 7.70
C ARG A 131 3.24 7.99 6.68
N ASP A 132 3.11 7.23 5.60
CA ASP A 132 3.99 7.35 4.45
C ASP A 132 3.20 7.16 3.16
N LEU A 133 2.21 8.01 2.93
CA LEU A 133 1.55 8.04 1.64
C LEU A 133 2.39 8.87 0.68
N LYS A 134 2.82 8.24 -0.42
CA LYS A 134 3.62 8.87 -1.48
C LYS A 134 3.39 8.06 -2.77
N PRO A 135 3.76 8.60 -3.93
CA PRO A 135 3.51 7.90 -5.20
C PRO A 135 4.10 6.50 -5.30
N GLU A 136 5.29 6.28 -4.77
CA GLU A 136 5.89 4.94 -4.89
C GLU A 136 5.20 3.88 -4.01
N ASN A 137 4.32 4.31 -3.11
CA ASN A 137 3.49 3.38 -2.35
C ASN A 137 2.14 3.15 -3.00
N LEU A 138 1.94 3.76 -4.17
CA LEU A 138 0.68 3.64 -4.89
C LEU A 138 0.87 2.93 -6.24
N LEU A 139 0.59 1.64 -6.27
CA LEU A 139 0.78 0.87 -7.49
C LEU A 139 -0.53 0.56 -8.20
N PHE A 140 -0.42 0.17 -9.46
CA PHE A 140 -1.61 -0.15 -10.21
C PHE A 140 -1.51 -1.54 -10.80
N ASP A 141 -2.60 -2.29 -10.70
CA ASP A 141 -2.63 -3.66 -11.19
C ASP A 141 -3.02 -3.67 -12.66
N GLU A 142 -3.20 -4.86 -13.24
CA GLU A 142 -3.49 -4.92 -14.66
C GLU A 142 -4.88 -4.40 -15.01
N TYR A 143 -5.68 -4.10 -13.99
CA TYR A 143 -7.00 -3.55 -14.22
C TYR A 143 -7.03 -2.05 -14.01
N HIS A 144 -5.89 -1.49 -13.66
CA HIS A 144 -5.75 -0.05 -13.39
C HIS A 144 -6.46 0.36 -12.11
N LYS A 145 -6.55 -0.61 -11.21
CA LYS A 145 -7.01 -0.36 -9.86
C LYS A 145 -5.78 -0.15 -9.00
N LEU A 146 -5.86 0.86 -8.14
CA LEU A 146 -4.81 1.13 -7.18
C LEU A 146 -4.63 0.01 -6.15
N LYS A 147 -3.38 -0.32 -5.86
CA LYS A 147 -3.02 -1.20 -4.77
C LYS A 147 -2.02 -0.46 -3.92
N LEU A 148 -2.39 -0.17 -2.68
CA LEU A 148 -1.50 0.53 -1.79
C LEU A 148 -0.51 -0.43 -1.15
N ILE A 149 0.75 -0.01 -1.09
CA ILE A 149 1.72 -0.71 -0.26
C ILE A 149 1.57 -0.23 1.18
N ALA A 150 1.12 -1.12 2.05
CA ALA A 150 0.78 -0.75 3.42
C ALA A 150 1.91 -1.08 4.38
N PHE A 151 3.12 -1.15 3.86
CA PHE A 151 4.23 -1.61 4.64
C PHE A 151 5.36 -0.62 4.46
N GLY A 152 5.98 -0.20 5.56
CA GLY A 152 7.11 0.72 5.47
C GLY A 152 7.91 0.97 6.75
N LEU A 153 9.05 1.61 6.60
CA LEU A 153 9.89 1.96 7.73
C LEU A 153 10.19 3.45 7.77
N CYS A 154 9.59 4.18 6.84
CA CYS A 154 9.81 5.61 6.78
C CYS A 154 9.30 6.33 8.01
N ALA A 155 8.00 6.24 8.29
CA ALA A 155 7.50 6.85 9.50
C ALA A 155 7.73 5.91 10.67
N LYS A 156 8.40 6.40 11.71
CA LYS A 156 8.71 5.57 12.86
C LYS A 156 8.37 6.26 14.17
N PRO A 157 7.93 5.46 15.15
CA PRO A 157 7.63 6.00 16.48
C PRO A 157 8.93 6.49 17.11
N LYS A 158 8.84 7.56 17.90
CA LYS A 158 9.99 8.00 18.67
C LYS A 158 9.56 8.47 20.05
N GLY A 159 10.52 8.49 20.97
CA GLY A 159 10.32 9.10 22.27
C GLY A 159 9.44 8.34 23.22
N ASN A 160 9.40 8.81 24.47
CA ASN A 160 8.55 8.23 25.50
C ASN A 160 7.10 8.48 25.20
N LYS A 161 6.82 9.64 24.62
CA LYS A 161 5.47 9.93 24.17
C LYS A 161 5.18 9.12 22.91
N ASP A 162 3.91 9.07 22.53
CA ASP A 162 3.47 8.25 21.40
C ASP A 162 3.59 9.05 20.11
N TYR A 163 4.77 9.59 19.85
CA TYR A 163 5.00 10.44 18.69
C TYR A 163 5.55 9.67 17.50
N HIS A 164 5.29 10.17 16.30
CA HIS A 164 5.88 9.61 15.08
C HIS A 164 6.70 10.62 14.31
N LEU A 165 7.71 10.10 13.60
CA LEU A 165 8.68 10.92 12.89
C LEU A 165 8.85 10.42 11.46
N GLN A 166 8.77 11.33 10.49
CA GLN A 166 9.11 11.01 9.11
C GLN A 166 10.63 10.87 8.98
N THR A 167 11.08 9.68 8.57
CA THR A 167 12.51 9.32 8.52
C THR A 167 13.09 9.42 7.11
N CYS A 168 12.22 9.27 6.10
CA CYS A 168 12.69 9.28 4.71
C CYS A 168 12.58 10.65 4.10
N CYS A 169 13.74 11.27 3.85
CA CYS A 169 13.78 12.61 3.29
C CYS A 169 13.13 12.69 1.89
N GLY A 170 13.08 11.56 1.17
CA GLY A 170 12.32 11.48 -0.06
C GLY A 170 10.84 11.77 0.16
N SER A 171 10.32 11.29 1.29
CA SER A 171 8.91 11.44 1.63
C SER A 171 8.51 12.86 2.02
N LEU A 172 9.49 13.75 2.19
CA LEU A 172 9.28 15.09 2.74
C LEU A 172 8.12 15.89 2.14
N ALA A 173 8.10 16.00 0.82
CA ALA A 173 7.07 16.81 0.15
C ALA A 173 5.65 16.32 0.38
N TYR A 174 5.51 15.07 0.81
CA TYR A 174 4.22 14.43 1.04
C TYR A 174 3.90 14.31 2.51
N ALA A 175 4.88 14.61 3.36
CA ALA A 175 4.76 14.49 4.81
C ALA A 175 4.18 15.74 5.52
N ALA A 176 3.25 15.50 6.44
CA ALA A 176 2.72 16.57 7.29
C ALA A 176 3.84 17.22 8.11
N PRO A 177 3.71 18.55 8.34
CA PRO A 177 4.66 19.36 9.11
C PRO A 177 5.01 18.76 10.46
N GLU A 178 4.00 18.45 11.25
CA GLU A 178 4.22 17.86 12.58
C GLU A 178 4.87 16.47 12.50
N LEU A 179 4.59 15.72 11.45
CA LEU A 179 5.23 14.41 11.26
C LEU A 179 6.72 14.60 10.99
N ILE A 180 7.02 15.43 10.00
CA ILE A 180 8.39 15.88 9.79
C ILE A 180 9.09 16.35 11.08
N GLN A 181 8.39 17.11 11.92
CA GLN A 181 8.97 17.59 13.18
C GLN A 181 9.19 16.46 14.16
N GLY A 182 8.48 15.36 13.97
CA GLY A 182 8.60 14.25 14.89
C GLY A 182 7.71 14.45 16.09
N LYS A 183 6.75 15.35 15.91
CA LYS A 183 5.79 15.68 16.95
C LYS A 183 4.41 15.25 16.47
N SER A 184 4.32 14.09 15.83
CA SER A 184 3.04 13.60 15.34
C SER A 184 2.46 12.46 16.16
N TYR A 185 1.32 12.76 16.76
CA TYR A 185 0.42 11.79 17.37
C TYR A 185 -0.87 12.00 16.60
N LEU A 186 -1.81 11.06 16.65
CA LEU A 186 -2.95 11.13 15.76
C LEU A 186 -2.48 11.15 14.30
N GLY A 187 -1.71 10.13 13.95
CA GLY A 187 -1.06 10.00 12.66
C GLY A 187 -2.05 9.94 11.50
N SER A 188 -3.28 9.55 11.80
CA SER A 188 -4.30 9.46 10.77
C SER A 188 -4.49 10.84 10.13
N GLU A 189 -4.39 11.88 10.97
CA GLU A 189 -4.43 13.24 10.47
C GLU A 189 -3.25 13.50 9.53
N ALA A 190 -2.08 12.98 9.90
CA ALA A 190 -0.90 13.01 9.04
C ALA A 190 -1.24 12.47 7.65
N ASP A 191 -2.06 11.42 7.62
CA ASP A 191 -2.46 10.79 6.35
C ASP A 191 -3.34 11.68 5.50
N VAL A 192 -4.31 12.34 6.14
CA VAL A 192 -5.15 13.28 5.43
C VAL A 192 -4.33 14.40 4.75
N TRP A 193 -3.26 14.83 5.41
CA TRP A 193 -2.37 15.80 4.81
C TRP A 193 -1.70 15.25 3.56
N SER A 194 -1.15 14.04 3.67
CA SER A 194 -0.49 13.42 2.52
C SER A 194 -1.42 13.25 1.32
N MET A 195 -2.68 12.92 1.57
CA MET A 195 -3.60 12.73 0.46
C MET A 195 -3.91 14.07 -0.17
N GLY A 196 -3.91 15.13 0.65
CA GLY A 196 -4.07 16.47 0.16
C GLY A 196 -2.98 16.79 -0.85
N ILE A 197 -1.73 16.50 -0.48
CA ILE A 197 -0.62 16.67 -1.40
C ILE A 197 -0.85 15.90 -2.70
N LEU A 198 -1.26 14.64 -2.58
CA LEU A 198 -1.53 13.79 -3.74
C LEU A 198 -2.62 14.38 -4.61
N LEU A 199 -3.74 14.69 -4.00
CA LEU A 199 -4.81 15.42 -4.65
C LEU A 199 -4.28 16.62 -5.46
N TYR A 200 -3.35 17.38 -4.88
CA TYR A 200 -2.83 18.56 -5.54
C TYR A 200 -2.06 18.17 -6.79
N VAL A 201 -1.13 17.23 -6.61
CA VAL A 201 -0.27 16.80 -7.72
C VAL A 201 -1.04 16.22 -8.91
N LEU A 202 -1.99 15.34 -8.62
CA LEU A 202 -2.89 14.83 -9.64
C LEU A 202 -3.53 15.93 -10.50
N MET A 203 -4.05 16.97 -9.85
CA MET A 203 -4.76 17.99 -10.60
C MET A 203 -3.89 19.08 -11.24
N CYS A 204 -2.63 19.19 -10.80
CA CYS A 204 -1.76 20.29 -11.20
C CYS A 204 -0.52 19.83 -11.93
N GLY A 205 -0.06 18.63 -11.64
CA GLY A 205 1.13 18.10 -12.30
C GLY A 205 2.43 18.62 -11.69
N PHE A 206 2.32 19.15 -10.48
CA PHE A 206 3.49 19.53 -9.71
C PHE A 206 3.10 19.61 -8.24
N LEU A 207 4.10 19.73 -7.39
CA LEU A 207 3.85 19.74 -5.94
C LEU A 207 3.47 21.12 -5.44
N PRO A 208 2.69 21.17 -4.35
CA PRO A 208 2.26 22.45 -3.79
C PRO A 208 3.41 23.13 -3.00
N PHE A 209 4.22 22.30 -2.35
CA PHE A 209 5.48 22.70 -1.72
C PHE A 209 6.62 21.94 -2.41
N ASP A 210 7.51 22.69 -3.04
CA ASP A 210 8.64 22.11 -3.76
C ASP A 210 9.85 23.04 -3.78
N ASP A 211 11.01 22.48 -3.46
CA ASP A 211 12.26 23.21 -3.55
C ASP A 211 13.48 22.30 -3.69
N ASP A 212 14.46 22.74 -4.47
CA ASP A 212 15.71 22.00 -4.57
C ASP A 212 16.42 21.97 -3.23
N ASN A 213 16.43 23.12 -2.55
CA ASN A 213 16.98 23.21 -1.20
C ASN A 213 16.06 22.56 -0.18
N VAL A 214 16.65 21.80 0.73
CA VAL A 214 15.88 20.97 1.66
C VAL A 214 15.32 21.77 2.82
N MET A 215 16.11 22.70 3.36
CA MET A 215 15.59 23.59 4.39
C MET A 215 14.48 24.46 3.80
N ALA A 216 14.73 25.01 2.62
CA ALA A 216 13.72 25.80 1.93
C ALA A 216 12.41 25.01 1.83
N LEU A 217 12.47 23.80 1.27
CA LEU A 217 11.29 22.96 1.19
C LEU A 217 10.70 22.70 2.58
N TYR A 218 11.57 22.41 3.54
CA TYR A 218 11.18 22.22 4.93
C TYR A 218 10.28 23.37 5.39
N LYS A 219 10.77 24.60 5.24
CA LYS A 219 10.06 25.81 5.65
C LYS A 219 8.74 26.09 4.91
N LYS A 220 8.70 25.79 3.62
CA LYS A 220 7.50 26.06 2.83
C LYS A 220 6.34 25.26 3.39
N ILE A 221 6.62 24.00 3.72
CA ILE A 221 5.63 23.10 4.30
C ILE A 221 5.14 23.62 5.66
N MET A 222 6.08 23.96 6.55
CA MET A 222 5.73 24.46 7.88
C MET A 222 4.89 25.74 7.82
N ARG A 223 5.02 26.49 6.72
CA ARG A 223 4.29 27.74 6.50
C ARG A 223 2.95 27.54 5.80
N GLY A 224 2.88 26.51 4.94
CA GLY A 224 1.60 26.05 4.43
C GLY A 224 0.94 26.78 3.26
N LYS A 225 1.62 27.79 2.72
CA LYS A 225 1.09 28.54 1.58
C LYS A 225 1.52 27.93 0.25
N TYR A 226 0.62 27.90 -0.72
CA TYR A 226 0.90 27.29 -2.03
C TYR A 226 0.12 27.99 -3.15
N ASP A 227 0.60 27.84 -4.38
CA ASP A 227 -0.10 28.39 -5.53
C ASP A 227 -1.33 27.58 -5.87
N VAL A 228 -2.32 28.28 -6.42
CA VAL A 228 -3.58 27.69 -6.83
C VAL A 228 -3.78 27.97 -8.30
N PRO A 229 -3.56 26.96 -9.16
CA PRO A 229 -3.70 27.15 -10.61
C PRO A 229 -5.07 27.62 -11.05
N LYS A 230 -5.09 28.23 -12.22
CA LYS A 230 -6.28 28.87 -12.76
C LYS A 230 -7.33 27.82 -13.08
N TRP A 231 -6.89 26.61 -13.37
CA TRP A 231 -7.77 25.56 -13.88
C TRP A 231 -8.45 24.72 -12.80
N LEU A 232 -8.12 24.95 -11.54
CA LEU A 232 -8.78 24.26 -10.45
C LEU A 232 -10.17 24.82 -10.24
N SER A 233 -11.14 23.94 -10.06
CA SER A 233 -12.50 24.39 -9.79
C SER A 233 -12.57 24.83 -8.33
N PRO A 234 -13.61 25.61 -7.97
CA PRO A 234 -13.82 26.04 -6.58
C PRO A 234 -13.91 24.86 -5.64
N SER A 235 -14.74 23.88 -5.97
CA SER A 235 -14.83 22.65 -5.21
C SER A 235 -13.44 22.02 -4.97
N SER A 236 -12.62 21.93 -6.02
CA SER A 236 -11.30 21.33 -5.89
C SER A 236 -10.52 22.12 -4.87
N ILE A 237 -10.48 23.43 -5.08
CA ILE A 237 -9.74 24.37 -4.26
C ILE A 237 -10.13 24.28 -2.78
N LEU A 238 -11.44 24.20 -2.55
CA LEU A 238 -12.00 24.04 -1.21
C LEU A 238 -11.52 22.78 -0.54
N LEU A 239 -11.64 21.65 -1.23
CA LEU A 239 -11.26 20.37 -0.66
C LEU A 239 -9.78 20.35 -0.32
N LEU A 240 -8.99 20.96 -1.17
CA LEU A 240 -7.57 21.14 -0.89
C LEU A 240 -7.34 21.87 0.41
N GLN A 241 -8.03 23.00 0.60
CA GLN A 241 -7.87 23.78 1.82
C GLN A 241 -8.23 22.97 3.06
N GLN A 242 -9.25 22.11 2.95
CA GLN A 242 -9.73 21.36 4.09
C GLN A 242 -8.78 20.22 4.48
N MET A 243 -7.95 19.81 3.52
CA MET A 243 -6.96 18.77 3.78
C MET A 243 -5.59 19.37 4.12
N LEU A 244 -5.23 20.42 3.38
CA LEU A 244 -3.91 21.01 3.54
C LEU A 244 -3.91 22.10 4.62
N GLN A 245 -4.15 21.67 5.86
CA GLN A 245 -4.11 22.51 7.02
C GLN A 245 -2.86 22.18 7.84
N VAL A 246 -2.03 23.19 8.09
CA VAL A 246 -0.86 22.99 8.93
C VAL A 246 -1.26 22.52 10.34
N ASP A 247 -2.38 23.01 10.83
CA ASP A 247 -2.92 22.52 12.09
C ASP A 247 -3.58 21.19 11.82
N PRO A 248 -3.05 20.11 12.42
CA PRO A 248 -3.63 18.77 12.23
C PRO A 248 -5.10 18.75 12.67
N LYS A 249 -5.39 19.41 13.79
CA LYS A 249 -6.75 19.46 14.31
C LYS A 249 -7.75 20.11 13.36
N LYS A 250 -7.25 20.93 12.45
CA LYS A 250 -8.10 21.62 11.47
C LYS A 250 -8.27 20.86 10.16
N ARG A 251 -7.57 19.74 10.00
CA ARG A 251 -7.68 18.95 8.78
C ARG A 251 -8.99 18.16 8.75
N ILE A 252 -9.58 18.03 7.55
CA ILE A 252 -10.85 17.31 7.41
C ILE A 252 -10.78 15.89 7.96
N SER A 253 -11.82 15.46 8.68
CA SER A 253 -11.83 14.10 9.22
C SER A 253 -12.09 13.10 8.10
N MET A 254 -11.71 11.84 8.33
CA MET A 254 -11.97 10.77 7.37
C MET A 254 -13.46 10.70 7.06
N LYS A 255 -14.25 10.72 8.13
CA LYS A 255 -15.69 10.59 8.05
C LYS A 255 -16.27 11.61 7.09
N ASN A 256 -15.82 12.86 7.21
CA ASN A 256 -16.28 13.92 6.33
C ASN A 256 -15.65 13.86 4.96
N LEU A 257 -14.48 13.25 4.86
CA LEU A 257 -13.82 13.06 3.58
C LEU A 257 -14.61 12.06 2.74
N LEU A 258 -14.99 10.95 3.39
CA LEU A 258 -15.67 9.84 2.75
C LEU A 258 -16.86 10.29 1.95
N ASN A 259 -17.59 11.26 2.46
CA ASN A 259 -18.80 11.70 1.80
C ASN A 259 -18.76 13.17 1.40
N HIS A 260 -17.56 13.66 1.15
CA HIS A 260 -17.36 15.04 0.76
C HIS A 260 -18.06 15.30 -0.55
N PRO A 261 -18.64 16.49 -0.69
CA PRO A 261 -19.29 16.87 -1.94
C PRO A 261 -18.41 16.73 -3.17
N TRP A 262 -17.13 17.12 -3.09
CA TRP A 262 -16.21 16.94 -4.20
C TRP A 262 -16.09 15.45 -4.54
N ILE A 263 -16.01 14.63 -3.51
CA ILE A 263 -15.85 13.17 -3.63
C ILE A 263 -17.09 12.51 -4.24
N MET A 264 -18.25 12.98 -3.84
CA MET A 264 -19.51 12.40 -4.30
C MET A 264 -19.99 13.00 -5.62
N GLN A 265 -19.24 13.95 -6.17
CA GLN A 265 -19.73 14.81 -7.23
C GLN A 265 -20.16 14.07 -8.51
N ASP A 266 -19.36 13.13 -8.99
CA ASP A 266 -19.73 12.41 -10.20
C ASP A 266 -20.27 11.00 -9.93
N TYR A 267 -20.37 10.65 -8.66
CA TYR A 267 -20.74 9.29 -8.25
C TYR A 267 -22.05 9.25 -7.47
N ASN A 268 -22.32 10.29 -6.69
CA ASN A 268 -23.53 10.35 -5.85
C ASN A 268 -23.64 9.20 -4.84
N TYR A 269 -22.48 8.67 -4.47
CA TYR A 269 -22.33 7.78 -3.34
C TYR A 269 -20.90 7.94 -2.83
N PRO A 270 -20.72 7.89 -1.49
CA PRO A 270 -19.42 8.10 -0.87
C PRO A 270 -18.45 7.00 -1.25
N VAL A 271 -17.18 7.21 -0.95
CA VAL A 271 -16.17 6.18 -1.10
C VAL A 271 -16.56 4.91 -0.35
N GLU A 272 -16.46 3.77 -1.02
CA GLU A 272 -16.73 2.49 -0.38
C GLU A 272 -15.39 1.95 0.04
N TRP A 273 -15.16 1.99 1.35
CA TRP A 273 -13.84 1.76 1.88
C TRP A 273 -13.75 0.40 2.55
N GLN A 274 -14.89 -0.21 2.79
CA GLN A 274 -14.88 -1.50 3.45
C GLN A 274 -14.49 -2.63 2.48
N SER A 275 -13.67 -3.55 2.99
CA SER A 275 -13.19 -4.74 2.28
C SER A 275 -14.32 -5.39 1.49
N LYS A 276 -14.13 -5.57 0.19
CA LYS A 276 -15.20 -6.12 -0.65
C LYS A 276 -14.95 -7.59 -0.85
N ASN A 277 -13.70 -7.97 -0.56
CA ASN A 277 -13.15 -9.30 -0.72
C ASN A 277 -12.69 -9.92 0.62
N PRO A 278 -13.51 -9.85 1.69
CA PRO A 278 -12.91 -10.31 2.94
C PRO A 278 -12.94 -11.83 3.09
N PHE A 279 -12.09 -12.37 3.98
CA PHE A 279 -11.96 -13.82 4.21
C PHE A 279 -13.07 -14.41 5.05
N ILE A 280 -14.18 -14.76 4.43
CA ILE A 280 -15.30 -15.33 5.16
C ILE A 280 -15.14 -16.84 5.27
N HIS A 281 -15.23 -17.50 4.12
CA HIS A 281 -15.10 -18.94 4.06
C HIS A 281 -14.14 -19.35 2.99
N LEU A 282 -13.53 -20.52 3.17
CA LEU A 282 -12.58 -21.02 2.20
C LEU A 282 -13.30 -21.33 0.90
N ASP A 283 -12.68 -20.98 -0.22
CA ASP A 283 -13.25 -21.25 -1.53
C ASP A 283 -13.06 -22.72 -1.87
N ASP A 284 -14.16 -23.42 -2.09
CA ASP A 284 -14.13 -24.87 -2.21
C ASP A 284 -13.21 -25.37 -3.32
N ASP A 285 -13.25 -24.70 -4.47
CA ASP A 285 -12.43 -25.11 -5.62
C ASP A 285 -10.96 -25.09 -5.29
N CYS A 286 -10.53 -24.00 -4.68
CA CYS A 286 -9.17 -23.83 -4.22
C CYS A 286 -8.77 -24.92 -3.23
N VAL A 287 -9.69 -25.30 -2.36
CA VAL A 287 -9.44 -26.37 -1.41
C VAL A 287 -9.33 -27.74 -2.10
N THR A 288 -10.23 -28.04 -3.04
CA THR A 288 -10.18 -29.33 -3.73
C THR A 288 -8.84 -29.42 -4.47
N GLU A 289 -8.44 -28.33 -5.12
CA GLU A 289 -7.20 -28.36 -5.88
C GLU A 289 -6.00 -28.68 -5.00
N LEU A 290 -5.93 -28.02 -3.86
CA LEU A 290 -4.84 -28.20 -2.92
C LEU A 290 -4.80 -29.60 -2.33
N SER A 291 -5.97 -30.15 -2.02
CA SER A 291 -6.03 -31.48 -1.44
C SER A 291 -5.68 -32.55 -2.47
N VAL A 292 -5.94 -32.25 -3.74
CA VAL A 292 -5.47 -33.10 -4.83
C VAL A 292 -3.95 -33.16 -4.78
N HIS A 293 -3.35 -31.99 -4.73
CA HIS A 293 -1.92 -31.85 -4.60
C HIS A 293 -1.38 -32.41 -3.25
N HIS A 294 -2.06 -32.12 -2.16
CA HIS A 294 -1.58 -32.60 -0.86
C HIS A 294 -1.95 -34.04 -0.63
N ARG A 295 -2.72 -34.59 -1.56
CA ARG A 295 -3.21 -35.95 -1.47
C ARG A 295 -3.87 -36.18 -0.13
N ASN A 296 -4.82 -35.33 0.23
CA ASN A 296 -5.52 -35.50 1.50
C ASN A 296 -7.01 -35.20 1.41
N ASN A 297 -7.71 -35.36 2.52
CA ASN A 297 -9.15 -35.11 2.51
C ASN A 297 -9.52 -33.67 2.83
N ARG A 298 -10.75 -33.30 2.49
CA ARG A 298 -11.14 -31.89 2.50
C ARG A 298 -11.04 -31.19 3.85
N GLN A 299 -11.59 -31.79 4.89
CA GLN A 299 -11.59 -31.18 6.21
C GLN A 299 -10.16 -30.94 6.68
N THR A 300 -9.34 -31.98 6.57
CA THR A 300 -7.93 -31.92 6.87
C THR A 300 -7.27 -30.78 6.13
N MET A 301 -7.61 -30.62 4.86
CA MET A 301 -7.03 -29.60 4.00
C MET A 301 -7.45 -28.19 4.44
N GLU A 302 -8.72 -28.06 4.81
CA GLU A 302 -9.29 -26.81 5.27
C GLU A 302 -8.64 -26.41 6.58
N ASP A 303 -8.57 -27.35 7.52
CA ASP A 303 -8.01 -27.09 8.83
C ASP A 303 -6.59 -26.59 8.69
N LEU A 304 -5.91 -27.10 7.68
CA LEU A 304 -4.52 -26.77 7.43
C LEU A 304 -4.36 -25.35 6.85
N ILE A 305 -5.25 -24.98 5.94
CA ILE A 305 -5.23 -23.67 5.32
C ILE A 305 -5.55 -22.62 6.39
N SER A 306 -6.53 -22.95 7.22
CA SER A 306 -7.01 -22.09 8.29
C SER A 306 -5.97 -21.68 9.33
N LEU A 307 -4.91 -22.48 9.49
CA LEU A 307 -3.82 -22.07 10.35
C LEU A 307 -3.25 -20.75 9.83
N TRP A 308 -3.33 -20.60 8.52
CA TRP A 308 -3.13 -19.32 7.86
C TRP A 308 -1.82 -18.64 8.29
N GLN A 309 -0.72 -19.34 8.06
CA GLN A 309 0.58 -18.95 8.60
C GLN A 309 1.38 -18.09 7.64
N TYR A 310 0.80 -17.79 6.48
CA TYR A 310 1.51 -17.07 5.43
C TYR A 310 2.78 -17.82 5.11
N ASP A 311 2.63 -19.14 5.08
CA ASP A 311 3.62 -20.07 4.55
C ASP A 311 3.33 -20.34 3.07
N HIS A 312 4.02 -21.30 2.47
CA HIS A 312 3.80 -21.56 1.06
C HIS A 312 2.37 -21.98 0.78
N LEU A 313 1.72 -22.59 1.77
CA LEU A 313 0.33 -23.01 1.61
C LEU A 313 -0.59 -21.82 1.42
N THR A 314 -0.38 -20.80 2.25
CA THR A 314 -1.22 -19.63 2.24
C THR A 314 -1.05 -18.90 0.91
N ALA A 315 0.20 -18.80 0.47
CA ALA A 315 0.52 -18.20 -0.83
C ALA A 315 -0.17 -18.95 -1.97
N THR A 316 -0.06 -20.27 -1.96
CA THR A 316 -0.69 -21.09 -2.99
C THR A 316 -2.21 -20.92 -2.99
N TYR A 317 -2.81 -20.99 -1.81
CA TYR A 317 -4.25 -20.71 -1.68
C TYR A 317 -4.63 -19.38 -2.30
N LEU A 318 -3.89 -18.33 -1.98
CA LEU A 318 -4.23 -16.98 -2.42
C LEU A 318 -4.03 -16.81 -3.93
N LEU A 319 -2.97 -17.40 -4.46
CA LEU A 319 -2.71 -17.31 -5.89
C LEU A 319 -3.75 -18.09 -6.71
N LEU A 320 -4.23 -19.21 -6.17
CA LEU A 320 -5.32 -19.93 -6.82
C LEU A 320 -6.56 -19.06 -6.77
N LEU A 321 -6.77 -18.42 -5.63
CA LEU A 321 -7.92 -17.57 -5.44
C LEU A 321 -7.95 -16.45 -6.47
N ALA A 322 -6.78 -15.86 -6.69
CA ALA A 322 -6.65 -14.77 -7.63
C ALA A 322 -6.89 -15.26 -9.05
N LYS A 323 -6.50 -16.51 -9.28
CA LYS A 323 -6.67 -17.14 -10.58
C LYS A 323 -8.14 -17.29 -10.92
N LYS A 324 -8.91 -17.75 -9.94
CA LYS A 324 -10.35 -17.90 -10.11
C LYS A 324 -10.91 -16.51 -10.46
N ALA A 325 -10.44 -15.51 -9.76
CA ALA A 325 -10.91 -14.14 -9.97
C ALA A 325 -10.58 -13.56 -11.36
N ARG A 326 -9.44 -13.93 -11.94
CA ARG A 326 -9.17 -13.60 -13.35
C ARG A 326 -10.02 -14.42 -14.33
N GLY A 327 -10.73 -15.44 -13.82
CA GLY A 327 -11.55 -16.30 -14.64
C GLY A 327 -10.71 -17.42 -15.24
N LYS A 328 -9.51 -17.57 -14.71
CA LYS A 328 -8.57 -18.59 -15.18
C LYS A 328 -8.89 -19.93 -14.51
N PRO A 329 -8.33 -21.03 -15.04
CA PRO A 329 -8.53 -22.33 -14.38
C PRO A 329 -7.89 -22.35 -13.00
N VAL A 330 -8.59 -22.93 -12.03
CA VAL A 330 -8.06 -22.99 -10.67
C VAL A 330 -7.24 -24.27 -10.53
N ARG A 331 -6.05 -24.24 -11.11
CA ARG A 331 -5.24 -25.45 -11.23
C ARG A 331 -3.80 -25.22 -10.81
N LEU A 332 -3.13 -26.28 -10.37
CA LEU A 332 -1.72 -26.20 -10.01
C LEU A 332 -0.85 -26.71 -11.15
N ARG A 333 0.45 -26.48 -11.03
CA ARG A 333 1.40 -26.82 -12.09
C ARG A 333 2.02 -28.20 -11.86
N LEU A 334 1.49 -28.93 -10.87
CA LEU A 334 2.07 -30.20 -10.48
C LEU A 334 2.07 -31.18 -11.63
N SER A 335 3.16 -31.95 -11.73
CA SER A 335 3.34 -32.91 -12.81
C SER A 335 3.76 -32.22 -14.10
#